data_4IQI
#
_entry.id   4IQI
#
_cell.length_a   96.122
_cell.length_b   90.936
_cell.length_c   73.166
_cell.angle_alpha   90.00
_cell.angle_beta   90.10
_cell.angle_gamma   90.00
#
_symmetry.space_group_name_H-M   'C 1 2 1'
#
loop_
_entity.id
_entity.type
_entity.pdbx_description
1 polymer 'NADPH-dependent 7-cyano-7-deazaguanine reductase'
2 non-polymer 6-AMINOPYRIMIDIN-2(1H)-ONE
3 non-polymer 'CHLORIDE ION'
4 non-polymer 'SULFATE ION'
5 water water
#
_entity_poly.entity_id   1
_entity_poly.type   'polypeptide(L)'
_entity_poly.pdbx_seq_one_letter_code
;SNA(MSE)NRLKN(MSE)SKYSDAKELASLTLGKKTEYANQYDPSLLQPVPRSLNRNDLHLSATLPFQGCDIWTLYELSW
LNQKGLPQVAIGEVSIPATSANLIESKSFKLYLNSYNQTRFASWDEVQTRLVHDLSACAGETVTVNVKSLNEYTAEPIVT
(MSE)QGECIDDQDIEIANYEFDDALLQGAAQGEEVSEVLHSHLLKSNCLITNQPDWGSVEIAYHGAK(MSE)NREALLR
YLVSFREHNEFHEQCVERIFTDI(MSE)RYCQPQSLTVYARYTRRGGLDINPFRSSHQSAPNHNQR(MSE)ARQ
;
_entity_poly.pdbx_strand_id   A,B
#
loop_
_chem_comp.id
_chem_comp.type
_chem_comp.name
_chem_comp.formula
CL non-polymer 'CHLORIDE ION' 'Cl -1'
CYT non-polymer 6-AMINOPYRIMIDIN-2(1H)-ONE 'C4 H5 N3 O'
SO4 non-polymer 'SULFATE ION' 'O4 S -2'
#
# COMPACT_ATOMS: atom_id res chain seq x y z
N ASN A 32 5.38 37.36 -19.10
CA ASN A 32 5.20 37.23 -17.65
C ASN A 32 3.75 36.85 -17.21
N GLN A 33 2.78 37.13 -18.06
CA GLN A 33 1.39 36.81 -17.75
C GLN A 33 1.00 35.38 -18.21
N TYR A 34 0.07 34.79 -17.46
CA TYR A 34 -0.37 33.39 -17.64
C TYR A 34 -0.69 33.06 -19.10
N ASP A 35 -0.12 31.96 -19.61
CA ASP A 35 -0.17 31.65 -21.05
C ASP A 35 -0.30 30.13 -21.31
N PRO A 36 -1.54 29.62 -21.44
CA PRO A 36 -1.66 28.16 -21.61
C PRO A 36 -1.04 27.65 -22.91
N SER A 37 -0.76 28.57 -23.82
CA SER A 37 -0.16 28.20 -25.09
C SER A 37 1.30 27.81 -24.96
N LEU A 38 1.90 27.98 -23.80
CA LEU A 38 3.32 27.60 -23.62
C LEU A 38 3.60 26.08 -23.57
N LEU A 39 2.62 25.28 -23.18
CA LEU A 39 2.84 23.86 -22.98
C LEU A 39 3.15 23.17 -24.28
N GLN A 40 3.87 22.05 -24.21
CA GLN A 40 4.23 21.32 -25.42
C GLN A 40 4.04 19.83 -25.21
N PRO A 41 3.15 19.20 -26.00
CA PRO A 41 2.92 17.76 -25.87
C PRO A 41 3.98 16.97 -26.62
N VAL A 42 4.23 15.76 -26.14
CA VAL A 42 5.01 14.79 -26.87
C VAL A 42 4.15 13.53 -26.98
N PRO A 43 3.95 13.04 -28.19
CA PRO A 43 3.17 11.81 -28.36
C PRO A 43 3.76 10.63 -27.59
N ARG A 44 2.97 9.96 -26.76
CA ARG A 44 3.49 8.74 -26.12
C ARG A 44 3.81 7.65 -27.16
N SER A 45 3.20 7.76 -28.32
CA SER A 45 3.39 6.69 -29.29
C SER A 45 4.81 6.56 -29.84
N LEU A 46 5.52 7.67 -30.01
CA LEU A 46 6.91 7.61 -30.48
C LEU A 46 7.75 6.61 -29.68
N ASN A 47 7.93 6.88 -28.37
CA ASN A 47 8.68 5.98 -27.49
C ASN A 47 8.17 4.56 -27.50
N ARG A 48 6.85 4.42 -27.40
CA ARG A 48 6.26 3.09 -27.35
C ARG A 48 6.31 2.33 -28.69
N ASN A 49 6.36 3.06 -29.80
CA ASN A 49 6.68 2.44 -31.09
C ASN A 49 8.11 1.84 -31.07
N ASP A 50 8.96 2.35 -30.18
CA ASP A 50 10.34 1.87 -30.04
C ASP A 50 10.51 0.67 -29.12
N LEU A 51 9.63 0.53 -28.13
CA LEU A 51 9.64 -0.66 -27.27
C LEU A 51 8.83 -1.79 -27.95
N HIS A 52 8.42 -1.50 -29.19
CA HIS A 52 7.65 -2.40 -30.05
C HIS A 52 6.31 -2.73 -29.41
N LEU A 53 5.67 -1.69 -28.86
CA LEU A 53 4.41 -1.82 -28.11
C LEU A 53 3.17 -1.45 -28.92
N SER A 54 2.15 -2.29 -28.79
CA SER A 54 0.92 -2.21 -29.58
C SER A 54 -0.08 -1.11 -29.16
N ALA A 55 -1.18 -1.05 -29.91
CA ALA A 55 -2.28 -0.14 -29.58
C ALA A 55 -3.05 -0.72 -28.40
N THR A 56 -2.72 -1.94 -28.04
CA THR A 56 -3.25 -2.49 -26.80
C THR A 56 -2.15 -2.70 -25.72
N LEU A 57 -2.25 -1.90 -24.64
CA LEU A 57 -1.18 -1.74 -23.68
C LEU A 57 -0.95 -2.90 -22.75
N PRO A 58 0.31 -3.30 -22.58
CA PRO A 58 0.66 -4.28 -21.54
C PRO A 58 0.65 -3.71 -20.12
N PHE A 59 0.60 -2.39 -19.97
CA PHE A 59 0.61 -1.80 -18.64
C PHE A 59 -0.52 -0.78 -18.45
N GLN A 60 -0.80 -0.48 -17.19
CA GLN A 60 -1.58 0.69 -16.85
C GLN A 60 -0.75 1.49 -15.84
N GLY A 61 -1.33 2.58 -15.32
CA GLY A 61 -0.60 3.44 -14.41
C GLY A 61 -0.65 4.94 -14.77
N CYS A 62 0.41 5.63 -14.36
CA CYS A 62 0.35 7.06 -14.34
C CYS A 62 1.71 7.71 -14.21
N ASP A 63 1.79 8.99 -14.55
CA ASP A 63 2.99 9.78 -14.29
C ASP A 63 2.68 10.80 -13.21
N ILE A 64 3.28 10.61 -12.04
CA ILE A 64 3.05 11.54 -10.95
C ILE A 64 4.15 12.62 -10.94
N TRP A 65 3.75 13.89 -10.91
CA TRP A 65 4.71 15.00 -10.90
C TRP A 65 4.50 15.81 -9.64
N THR A 66 5.60 16.32 -9.09
CA THR A 66 5.56 17.25 -7.96
C THR A 66 6.11 18.57 -8.44
N LEU A 67 5.34 19.62 -8.19
CA LEU A 67 5.66 20.98 -8.65
C LEU A 67 6.07 21.78 -7.39
N TYR A 68 7.38 21.84 -7.17
CA TYR A 68 7.90 22.46 -5.96
C TYR A 68 7.87 23.98 -5.92
N GLU A 69 7.80 24.61 -7.07
CA GLU A 69 8.00 26.05 -7.11
C GLU A 69 6.82 26.76 -7.78
N LEU A 70 5.63 26.35 -7.41
CA LEU A 70 4.43 26.88 -7.99
C LEU A 70 4.11 28.18 -7.27
N SER A 71 4.02 29.31 -8.00
CA SER A 71 3.80 30.61 -7.38
C SER A 71 3.01 31.52 -8.34
N TRP A 72 2.11 32.33 -7.79
CA TRP A 72 1.31 33.31 -8.54
C TRP A 72 1.03 34.54 -7.65
N LEU A 73 0.23 35.49 -8.13
CA LEU A 73 -0.10 36.65 -7.32
C LEU A 73 -1.57 36.56 -6.93
N ASN A 74 -1.94 37.00 -5.74
CA ASN A 74 -3.35 37.16 -5.42
C ASN A 74 -3.93 38.43 -6.09
N GLN A 75 -5.19 38.71 -5.82
CA GLN A 75 -5.86 39.76 -6.57
C GLN A 75 -5.37 41.14 -6.12
N LYS A 76 -4.60 41.18 -5.03
CA LYS A 76 -3.95 42.41 -4.55
C LYS A 76 -2.47 42.48 -4.92
N GLY A 77 -1.99 41.50 -5.69
CA GLY A 77 -0.61 41.51 -6.15
C GLY A 77 0.44 40.90 -5.24
N LEU A 78 0.00 40.33 -4.12
CA LEU A 78 0.89 39.65 -3.19
C LEU A 78 1.16 38.20 -3.67
N PRO A 79 2.44 37.83 -3.77
CA PRO A 79 2.77 36.44 -4.15
C PRO A 79 2.14 35.40 -3.21
N GLN A 80 1.80 34.29 -3.84
CA GLN A 80 1.29 33.10 -3.19
C GLN A 80 2.26 32.00 -3.59
N VAL A 81 2.50 31.04 -2.71
CA VAL A 81 3.35 29.89 -3.04
C VAL A 81 2.68 28.61 -2.56
N ALA A 82 2.90 27.55 -3.32
CA ALA A 82 2.27 26.25 -3.03
C ALA A 82 3.08 25.15 -3.64
N ILE A 83 2.81 23.93 -3.24
CA ILE A 83 3.33 22.78 -3.99
C ILE A 83 2.15 22.14 -4.74
N GLY A 84 2.37 21.85 -6.02
CA GLY A 84 1.38 21.10 -6.78
C GLY A 84 1.75 19.64 -6.88
N GLU A 85 0.75 18.77 -6.92
N GLU A 85 0.73 18.79 -6.89
CA GLU A 85 0.99 17.36 -7.15
CA GLU A 85 0.89 17.36 -7.15
C GLU A 85 0.01 16.95 -8.26
C GLU A 85 -0.02 17.01 -8.31
N VAL A 86 0.55 16.40 -9.34
CA VAL A 86 -0.18 16.14 -10.58
C VAL A 86 -0.08 14.66 -10.92
N SER A 87 -1.16 14.09 -11.42
CA SER A 87 -1.13 12.73 -11.89
C SER A 87 -1.74 12.71 -13.29
N ILE A 88 -0.92 12.29 -14.25
CA ILE A 88 -1.29 12.10 -15.65
C ILE A 88 -1.45 10.60 -15.96
N PRO A 89 -2.63 10.17 -16.45
CA PRO A 89 -2.84 8.77 -16.89
C PRO A 89 -1.80 8.29 -17.92
N ALA A 90 -1.37 7.04 -17.76
CA ALA A 90 -0.35 6.53 -18.68
C ALA A 90 -0.98 6.27 -20.05
N THR A 91 -2.32 6.26 -20.11
CA THR A 91 -3.03 6.01 -21.35
C THR A 91 -3.22 7.27 -22.14
N SER A 92 -2.85 8.42 -21.60
CA SER A 92 -3.05 9.65 -22.34
C SER A 92 -2.23 9.65 -23.64
N ALA A 93 -2.69 10.38 -24.63
CA ALA A 93 -2.07 10.40 -25.93
C ALA A 93 -0.69 11.04 -25.86
N ASN A 94 -0.60 12.06 -25.00
CA ASN A 94 0.65 12.81 -24.88
C ASN A 94 1.15 12.87 -23.47
N LEU A 95 2.44 12.96 -23.34
CA LEU A 95 2.92 13.52 -22.11
C LEU A 95 3.30 14.96 -22.41
N ILE A 96 3.79 15.66 -21.40
CA ILE A 96 4.01 17.08 -21.57
C ILE A 96 5.50 17.31 -21.56
N GLU A 97 5.97 18.01 -22.58
CA GLU A 97 7.36 18.33 -22.70
C GLU A 97 7.80 19.16 -21.49
N SER A 98 8.69 18.57 -20.70
CA SER A 98 9.23 19.15 -19.45
C SER A 98 9.63 20.63 -19.44
N LYS A 99 10.40 21.06 -20.43
CA LYS A 99 10.79 22.46 -20.56
C LYS A 99 9.58 23.37 -20.84
N SER A 100 8.56 22.85 -21.55
CA SER A 100 7.33 23.62 -21.70
C SER A 100 6.53 23.68 -20.38
N PHE A 101 6.46 22.57 -19.66
CA PHE A 101 5.78 22.50 -18.39
C PHE A 101 6.34 23.57 -17.46
N LYS A 102 7.67 23.72 -17.55
CA LYS A 102 8.39 24.68 -16.75
C LYS A 102 8.12 26.15 -17.15
N LEU A 103 8.14 26.47 -18.44
CA LEU A 103 7.84 27.85 -18.83
C LEU A 103 6.40 28.22 -18.54
N TYR A 104 5.53 27.23 -18.71
CA TYR A 104 4.10 27.43 -18.47
C TYR A 104 3.90 27.74 -16.98
N LEU A 105 4.60 27.04 -16.08
CA LEU A 105 4.42 27.36 -14.65
C LEU A 105 4.96 28.74 -14.38
N ASN A 106 6.10 29.10 -15.01
CA ASN A 106 6.66 30.42 -14.87
C ASN A 106 5.66 31.54 -15.15
N SER A 107 4.80 31.34 -16.16
CA SER A 107 3.89 32.41 -16.59
C SER A 107 2.84 32.82 -15.48
N TYR A 108 2.64 31.94 -14.52
CA TYR A 108 1.79 32.23 -13.37
C TYR A 108 2.44 33.22 -12.41
N ASN A 109 3.77 33.30 -12.42
CA ASN A 109 4.51 33.96 -11.35
C ASN A 109 4.18 35.44 -11.18
N GLN A 110 3.91 36.13 -12.29
CA GLN A 110 3.49 37.52 -12.27
C GLN A 110 2.05 37.73 -12.72
N THR A 111 1.20 36.73 -12.56
CA THR A 111 -0.19 36.88 -12.94
C THR A 111 -1.12 36.82 -11.73
N ARG A 112 -2.04 37.76 -11.62
CA ARG A 112 -3.01 37.76 -10.55
C ARG A 112 -4.15 36.79 -10.81
N PHE A 113 -4.52 36.01 -9.78
CA PHE A 113 -5.69 35.13 -9.80
C PHE A 113 -6.48 35.37 -8.51
N ALA A 114 -7.81 35.31 -8.52
CA ALA A 114 -8.52 35.78 -7.33
C ALA A 114 -8.53 34.76 -6.19
N SER A 115 -8.28 33.49 -6.50
CA SER A 115 -8.33 32.48 -5.45
C SER A 115 -7.52 31.28 -5.84
N TRP A 116 -7.19 30.46 -4.86
CA TRP A 116 -6.39 29.25 -5.13
C TRP A 116 -7.13 28.26 -6.01
N ASP A 117 -8.44 28.13 -5.80
CA ASP A 117 -9.22 27.23 -6.65
C ASP A 117 -9.21 27.63 -8.10
N GLU A 118 -9.16 28.93 -8.39
CA GLU A 118 -9.05 29.40 -9.77
C GLU A 118 -7.80 28.79 -10.36
N VAL A 119 -6.70 28.86 -9.60
CA VAL A 119 -5.42 28.36 -10.06
C VAL A 119 -5.47 26.86 -10.32
N GLN A 120 -5.99 26.10 -9.36
CA GLN A 120 -6.16 24.68 -9.58
C GLN A 120 -7.02 24.32 -10.78
N THR A 121 -8.13 25.03 -10.97
CA THR A 121 -8.95 24.86 -12.17
C THR A 121 -8.14 25.05 -13.45
N ARG A 122 -7.33 26.11 -13.52
CA ARG A 122 -6.54 26.34 -14.73
C ARG A 122 -5.52 25.22 -14.99
N LEU A 123 -4.87 24.77 -13.93
CA LEU A 123 -3.85 23.73 -14.05
C LEU A 123 -4.52 22.44 -14.54
N VAL A 124 -5.65 22.08 -13.92
CA VAL A 124 -6.39 20.89 -14.36
C VAL A 124 -6.74 21.01 -15.84
N HIS A 125 -7.27 22.16 -16.24
CA HIS A 125 -7.73 22.21 -17.61
C HIS A 125 -6.58 22.12 -18.57
N ASP A 126 -5.56 22.93 -18.36
CA ASP A 126 -4.48 23.02 -19.35
C ASP A 126 -3.68 21.72 -19.44
N LEU A 127 -3.33 21.15 -18.30
CA LEU A 127 -2.59 19.91 -18.33
C LEU A 127 -3.43 18.77 -18.93
N SER A 128 -4.73 18.72 -18.62
CA SER A 128 -5.63 17.73 -19.24
C SER A 128 -5.71 17.90 -20.76
N ALA A 129 -5.86 19.15 -21.20
CA ALA A 129 -5.91 19.43 -22.62
C ALA A 129 -4.61 19.05 -23.30
N CYS A 130 -3.48 19.26 -22.64
CA CYS A 130 -2.21 18.99 -23.29
C CYS A 130 -1.99 17.48 -23.43
N ALA A 131 -2.26 16.77 -22.34
CA ALA A 131 -1.99 15.34 -22.27
C ALA A 131 -3.08 14.61 -23.08
N GLY A 132 -4.29 15.14 -23.03
CA GLY A 132 -5.39 14.57 -23.77
C GLY A 132 -6.27 13.63 -22.97
N GLU A 133 -6.14 13.66 -21.65
CA GLU A 133 -7.02 12.86 -20.81
C GLU A 133 -7.04 13.59 -19.51
N THR A 134 -8.09 13.42 -18.71
CA THR A 134 -8.16 14.14 -17.47
C THR A 134 -6.94 13.87 -16.62
N VAL A 135 -6.34 14.96 -16.15
CA VAL A 135 -5.20 14.95 -15.24
C VAL A 135 -5.72 15.48 -13.90
N THR A 136 -5.34 14.82 -12.80
N THR A 136 -5.30 14.83 -12.81
CA THR A 136 -5.71 15.37 -11.51
CA THR A 136 -5.69 15.31 -11.49
C THR A 136 -4.62 16.28 -10.95
C THR A 136 -4.63 16.20 -10.85
N VAL A 137 -5.04 17.31 -10.25
CA VAL A 137 -4.09 18.27 -9.69
C VAL A 137 -4.51 18.68 -8.30
N ASN A 138 -3.58 18.64 -7.35
N ASN A 138 -3.61 18.54 -7.34
CA ASN A 138 -3.83 19.06 -5.99
CA ASN A 138 -3.78 19.09 -6.01
C ASN A 138 -2.85 20.17 -5.57
C ASN A 138 -2.85 20.28 -5.87
N VAL A 139 -3.36 21.39 -5.34
CA VAL A 139 -2.50 22.54 -5.04
C VAL A 139 -2.49 22.67 -3.51
N LYS A 140 -1.33 22.44 -2.91
CA LYS A 140 -1.28 22.32 -1.45
C LYS A 140 -0.49 23.45 -0.84
N SER A 141 -0.96 24.01 0.26
CA SER A 141 -0.18 25.10 0.84
C SER A 141 0.99 24.48 1.62
N LEU A 142 2.05 25.27 1.82
CA LEU A 142 3.27 24.75 2.37
C LEU A 142 3.10 24.22 3.79
N ASN A 143 2.15 24.76 4.55
CA ASN A 143 1.99 24.28 5.94
C ASN A 143 1.42 22.84 5.96
N GLU A 144 0.83 22.42 4.85
CA GLU A 144 0.31 21.06 4.74
C GLU A 144 1.45 20.00 4.73
N TYR A 145 2.67 20.48 4.55
CA TYR A 145 3.85 19.62 4.56
C TYR A 145 4.57 19.57 5.92
N THR A 146 4.17 20.44 6.85
CA THR A 146 4.82 20.45 8.17
C THR A 146 4.73 19.08 8.81
N ALA A 147 5.91 18.56 9.20
CA ALA A 147 6.04 17.28 9.89
C ALA A 147 5.80 16.07 9.00
N GLU A 148 5.63 16.26 7.69
CA GLU A 148 5.53 15.07 6.84
C GLU A 148 6.87 14.35 6.78
N PRO A 149 6.88 13.01 6.97
CA PRO A 149 8.15 12.28 6.99
C PRO A 149 8.69 11.99 5.60
N ILE A 150 10.01 11.92 5.50
CA ILE A 150 10.65 11.33 4.34
C ILE A 150 10.40 9.83 4.37
N VAL A 151 10.00 9.29 3.21
CA VAL A 151 9.77 7.85 3.12
C VAL A 151 10.87 7.14 2.34
N THR A 152 11.01 5.84 2.60
CA THR A 152 11.82 4.99 1.72
C THR A 152 10.88 4.23 0.75
N MSE A 153 11.44 3.36 -0.11
CA MSE A 153 10.62 2.52 -0.96
C MSE A 153 10.28 1.22 -0.25
O MSE A 153 10.91 0.87 0.76
CB MSE A 153 11.29 2.20 -2.27
CG MSE A 153 10.81 3.10 -3.33
SE MSE A 153 12.01 3.25 -4.85
CE MSE A 153 10.79 4.32 -6.02
N GLN A 154 9.29 0.53 -0.79
N GLN A 154 9.27 0.52 -0.72
CA GLN A 154 8.91 -0.80 -0.31
CA GLN A 154 9.01 -0.76 -0.07
C GLN A 154 9.97 -1.84 -0.74
C GLN A 154 9.90 -1.83 -0.70
N GLY A 155 9.99 -2.97 -0.02
CA GLY A 155 10.78 -4.08 -0.44
C GLY A 155 12.19 -4.01 0.09
N GLU A 156 13.05 -4.82 -0.50
CA GLU A 156 14.43 -4.98 -0.07
C GLU A 156 15.32 -4.21 -1.05
N CYS A 157 16.24 -3.43 -0.49
CA CYS A 157 17.20 -2.72 -1.31
C CYS A 157 18.17 -3.77 -1.83
N ILE A 158 18.53 -3.70 -3.11
CA ILE A 158 19.50 -4.62 -3.67
C ILE A 158 20.89 -4.01 -3.88
N ASP A 159 21.14 -2.80 -3.38
CA ASP A 159 22.38 -2.09 -3.73
C ASP A 159 23.59 -2.49 -2.88
N ASP A 160 23.36 -3.35 -1.90
CA ASP A 160 24.40 -3.73 -0.96
C ASP A 160 24.95 -5.09 -1.45
N GLN A 161 25.56 -5.08 -2.62
CA GLN A 161 26.14 -6.27 -3.23
C GLN A 161 27.61 -6.09 -3.52
N ASP A 162 28.40 -7.16 -3.35
CA ASP A 162 29.82 -6.96 -3.49
C ASP A 162 30.27 -7.43 -4.87
N ILE A 163 29.61 -6.92 -5.88
CA ILE A 163 29.86 -7.34 -7.26
C ILE A 163 30.72 -6.29 -7.99
N GLU A 164 31.54 -6.72 -8.95
CA GLU A 164 32.44 -5.84 -9.70
C GLU A 164 31.68 -5.29 -10.88
N ILE A 165 31.76 -4.00 -11.18
CA ILE A 165 30.88 -3.52 -12.25
C ILE A 165 31.64 -3.32 -13.50
N ALA A 166 31.01 -3.92 -14.51
CA ALA A 166 31.45 -4.07 -15.88
C ALA A 166 31.01 -2.88 -16.76
N ASN A 167 29.70 -2.87 -17.05
CA ASN A 167 29.10 -1.98 -18.02
C ASN A 167 28.75 -0.69 -17.38
N TYR A 168 28.71 0.36 -18.20
CA TYR A 168 27.83 1.47 -17.89
C TYR A 168 27.07 1.81 -19.19
N GLU A 169 27.34 1.00 -20.23
CA GLU A 169 26.53 1.04 -21.47
C GLU A 169 25.38 0.02 -21.41
N PHE A 170 24.23 0.44 -21.91
CA PHE A 170 22.99 -0.28 -21.71
C PHE A 170 23.01 -1.66 -22.37
N ASP A 171 22.29 -2.60 -21.77
CA ASP A 171 22.21 -3.95 -22.31
C ASP A 171 20.99 -4.64 -21.72
N ASP A 172 19.89 -4.67 -22.49
CA ASP A 172 18.64 -5.24 -21.97
C ASP A 172 18.78 -6.73 -21.65
N ALA A 173 19.71 -7.39 -22.34
CA ALA A 173 19.91 -8.82 -22.22
C ALA A 173 20.65 -9.18 -20.94
N LEU A 174 20.96 -8.14 -20.16
CA LEU A 174 21.42 -8.38 -18.79
C LEU A 174 20.37 -9.17 -17.98
N LEU A 175 19.09 -9.10 -18.39
CA LEU A 175 18.03 -9.86 -17.69
C LEU A 175 17.84 -11.26 -18.28
N GLN A 176 18.57 -11.57 -19.35
CA GLN A 176 18.43 -12.87 -19.94
C GLN A 176 18.88 -13.94 -18.93
N GLY A 177 18.01 -14.89 -18.63
CA GLY A 177 18.35 -15.92 -17.69
C GLY A 177 18.29 -15.50 -16.25
N ALA A 178 17.82 -14.28 -15.96
CA ALA A 178 17.81 -13.74 -14.56
C ALA A 178 16.74 -14.35 -13.64
N ALA A 179 15.70 -14.91 -14.22
CA ALA A 179 14.60 -15.47 -13.45
C ALA A 179 14.68 -16.98 -13.59
N GLN A 180 15.22 -17.66 -12.61
CA GLN A 180 15.38 -19.11 -12.76
C GLN A 180 15.06 -19.83 -11.47
N GLY A 181 14.24 -19.24 -10.62
CA GLY A 181 13.94 -19.89 -9.38
C GLY A 181 12.56 -20.51 -9.17
N GLU A 182 12.29 -20.70 -7.87
CA GLU A 182 10.97 -20.91 -7.35
C GLU A 182 10.11 -19.66 -7.65
N GLU A 183 8.81 -19.84 -7.88
CA GLU A 183 7.90 -18.69 -8.01
C GLU A 183 7.70 -17.99 -6.68
N VAL A 184 8.11 -16.72 -6.61
CA VAL A 184 8.07 -15.95 -5.37
C VAL A 184 7.24 -14.68 -5.58
N SER A 185 6.85 -14.05 -4.46
CA SER A 185 6.32 -12.69 -4.44
C SER A 185 7.35 -11.82 -3.73
N GLU A 186 7.92 -10.86 -4.44
CA GLU A 186 8.96 -9.98 -3.91
C GLU A 186 8.73 -8.53 -4.27
N VAL A 187 9.37 -7.65 -3.51
CA VAL A 187 9.51 -6.25 -3.94
C VAL A 187 10.99 -5.94 -3.72
N LEU A 188 11.64 -5.46 -4.77
CA LEU A 188 13.04 -5.12 -4.75
C LEU A 188 13.19 -3.65 -5.09
N HIS A 189 14.16 -2.95 -4.54
CA HIS A 189 14.32 -1.57 -5.00
C HIS A 189 15.80 -1.19 -5.03
N SER A 190 16.12 -0.14 -5.77
CA SER A 190 17.51 0.34 -5.87
C SER A 190 17.45 1.87 -5.93
N HIS A 191 18.44 2.53 -5.33
CA HIS A 191 18.58 3.97 -5.42
C HIS A 191 19.60 4.36 -6.48
N LEU A 192 19.98 3.39 -7.33
CA LEU A 192 21.16 3.58 -8.16
C LEU A 192 20.83 3.89 -9.58
N LEU A 193 19.57 4.08 -9.90
CA LEU A 193 19.21 4.39 -11.27
C LEU A 193 19.66 5.83 -11.65
N LYS A 194 20.34 5.90 -12.78
CA LYS A 194 20.81 7.17 -13.29
C LYS A 194 20.90 7.01 -14.79
N SER A 195 20.67 8.09 -15.50
CA SER A 195 20.80 8.09 -16.94
C SER A 195 20.96 9.54 -17.33
N ASN A 196 21.54 9.79 -18.51
CA ASN A 196 21.62 11.16 -19.02
C ASN A 196 20.36 11.57 -19.75
N CYS A 197 19.98 12.84 -19.57
CA CYS A 197 18.89 13.44 -20.32
C CYS A 197 19.27 13.53 -21.79
N LEU A 198 18.35 13.09 -22.65
CA LEU A 198 18.57 13.09 -24.09
C LEU A 198 19.03 14.47 -24.55
N ILE A 199 18.36 15.49 -23.99
CA ILE A 199 18.62 16.90 -24.30
C ILE A 199 19.98 17.39 -23.76
N THR A 200 20.03 17.50 -22.44
CA THR A 200 21.07 18.23 -21.72
C THR A 200 22.31 17.39 -21.41
N ASN A 201 22.13 16.07 -21.41
CA ASN A 201 23.20 15.12 -21.13
C ASN A 201 23.79 15.17 -19.70
N GLN A 202 23.22 16.00 -18.84
CA GLN A 202 23.51 15.94 -17.41
C GLN A 202 22.77 14.72 -16.86
N PRO A 203 23.21 14.23 -15.68
CA PRO A 203 22.56 13.01 -15.18
C PRO A 203 21.17 13.23 -14.58
N ASP A 204 20.32 12.24 -14.74
CA ASP A 204 19.03 12.25 -14.08
C ASP A 204 19.08 11.13 -13.06
N TRP A 205 18.71 11.44 -11.82
CA TRP A 205 18.92 10.54 -10.68
C TRP A 205 17.59 9.96 -10.20
N GLY A 206 17.55 8.68 -9.82
CA GLY A 206 16.31 8.10 -9.36
C GLY A 206 16.45 6.86 -8.53
N SER A 207 15.38 6.54 -7.82
CA SER A 207 15.20 5.24 -7.17
C SER A 207 14.03 4.51 -7.85
N VAL A 208 14.11 3.18 -7.95
CA VAL A 208 13.12 2.39 -8.68
C VAL A 208 12.73 1.19 -7.81
N GLU A 209 11.43 0.89 -7.80
CA GLU A 209 10.81 -0.14 -6.96
C GLU A 209 10.11 -1.13 -7.88
N ILE A 210 10.49 -2.41 -7.78
CA ILE A 210 10.01 -3.49 -8.67
C ILE A 210 9.31 -4.58 -7.87
N ALA A 211 8.00 -4.67 -8.02
CA ALA A 211 7.17 -5.62 -7.30
C ALA A 211 6.73 -6.70 -8.27
N TYR A 212 6.87 -7.95 -7.92
CA TYR A 212 6.51 -8.98 -8.89
C TYR A 212 6.16 -10.29 -8.19
N HIS A 213 5.42 -11.13 -8.92
CA HIS A 213 5.12 -12.50 -8.53
C HIS A 213 5.52 -13.36 -9.73
N GLY A 214 6.40 -14.33 -9.53
CA GLY A 214 6.92 -15.15 -10.64
C GLY A 214 8.26 -15.74 -10.24
N ALA A 215 8.96 -16.42 -11.15
CA ALA A 215 10.24 -17.05 -10.82
C ALA A 215 11.21 -16.01 -10.25
N LYS A 216 11.98 -16.44 -9.26
CA LYS A 216 12.85 -15.54 -8.53
C LYS A 216 13.90 -14.88 -9.43
N MSE A 217 13.92 -13.54 -9.43
CA MSE A 217 14.91 -12.77 -10.19
C MSE A 217 16.24 -12.71 -9.51
O MSE A 217 16.35 -12.40 -8.33
CB MSE A 217 14.42 -11.33 -10.40
CG MSE A 217 13.05 -11.26 -10.95
SE MSE A 217 12.67 -9.37 -11.23
CE MSE A 217 13.94 -9.10 -12.60
N ASN A 218 17.26 -13.03 -10.28
CA ASN A 218 18.64 -12.92 -9.83
C ASN A 218 19.01 -11.42 -9.56
N ARG A 219 19.48 -11.12 -8.35
CA ARG A 219 19.63 -9.74 -7.94
C ARG A 219 20.88 -9.07 -8.48
N GLU A 220 21.88 -9.89 -8.77
CA GLU A 220 23.06 -9.40 -9.44
C GLU A 220 22.72 -8.96 -10.86
N ALA A 221 22.01 -9.80 -11.57
CA ALA A 221 21.57 -9.44 -12.93
C ALA A 221 20.74 -8.17 -12.95
N LEU A 222 19.77 -8.10 -12.04
CA LEU A 222 18.86 -6.98 -12.01
C LEU A 222 19.60 -5.67 -11.68
N LEU A 223 20.46 -5.73 -10.65
CA LEU A 223 21.27 -4.58 -10.29
C LEU A 223 22.15 -4.16 -11.47
N ARG A 224 22.85 -5.12 -12.07
CA ARG A 224 23.66 -4.77 -13.27
C ARG A 224 22.82 -4.18 -14.41
N TYR A 225 21.65 -4.73 -14.65
CA TYR A 225 20.75 -4.18 -15.64
C TYR A 225 20.47 -2.71 -15.34
N LEU A 226 20.25 -2.41 -14.06
CA LEU A 226 19.83 -1.06 -13.69
C LEU A 226 20.97 -0.09 -13.85
N VAL A 227 22.15 -0.53 -13.44
CA VAL A 227 23.40 0.22 -13.51
C VAL A 227 23.81 0.50 -14.94
N SER A 228 23.41 -0.39 -15.86
CA SER A 228 23.77 -0.21 -17.27
C SER A 228 23.04 0.99 -17.92
N PHE A 229 22.04 1.56 -17.25
CA PHE A 229 21.50 2.83 -17.70
C PHE A 229 22.47 4.03 -17.50
N ARG A 230 23.50 3.87 -16.67
CA ARG A 230 24.21 5.04 -16.12
C ARG A 230 24.60 6.03 -17.20
N GLU A 231 25.34 5.56 -18.19
CA GLU A 231 25.91 6.48 -19.16
C GLU A 231 25.12 6.53 -20.45
N HIS A 232 23.94 5.95 -20.39
CA HIS A 232 23.04 5.80 -21.54
C HIS A 232 22.02 6.96 -21.57
N ASN A 233 21.53 7.32 -22.75
CA ASN A 233 20.56 8.40 -22.81
C ASN A 233 19.15 7.94 -22.95
N GLU A 234 18.36 8.46 -22.01
CA GLU A 234 17.03 7.95 -21.68
C GLU A 234 16.10 9.10 -21.23
N PHE A 235 14.80 8.89 -21.40
CA PHE A 235 13.79 9.76 -20.82
C PHE A 235 12.94 9.01 -19.77
N HIS A 236 12.87 9.57 -18.56
CA HIS A 236 12.04 9.09 -17.43
C HIS A 236 10.86 8.13 -17.68
N GLU A 237 9.84 8.62 -18.39
CA GLU A 237 8.67 7.80 -18.73
C GLU A 237 9.10 6.63 -19.60
N GLN A 238 9.88 6.96 -20.64
CA GLN A 238 10.50 5.96 -21.49
C GLN A 238 11.27 4.94 -20.64
N CYS A 239 12.00 5.44 -19.65
CA CYS A 239 12.79 4.53 -18.82
C CYS A 239 11.94 3.47 -18.06
N VAL A 240 10.93 3.94 -17.32
CA VAL A 240 10.11 3.00 -16.57
C VAL A 240 9.44 2.02 -17.53
N GLU A 241 8.95 2.50 -18.68
CA GLU A 241 8.31 1.58 -19.63
C GLU A 241 9.29 0.52 -20.18
N ARG A 242 10.55 0.92 -20.38
N ARG A 242 10.54 0.92 -20.37
CA ARG A 242 11.54 -0.04 -20.90
CA ARG A 242 11.57 0.01 -20.88
C ARG A 242 11.87 -1.10 -19.84
C ARG A 242 11.92 -1.06 -19.85
N ILE A 243 12.04 -0.66 -18.59
CA ILE A 243 12.32 -1.60 -17.51
C ILE A 243 11.16 -2.61 -17.40
N PHE A 244 9.93 -2.10 -17.44
CA PHE A 244 8.75 -2.96 -17.43
C PHE A 244 8.76 -4.04 -18.55
N THR A 245 8.87 -3.58 -19.80
CA THR A 245 8.78 -4.49 -20.93
C THR A 245 9.97 -5.50 -21.00
N ASP A 246 11.17 -5.05 -20.60
CA ASP A 246 12.34 -5.95 -20.53
C ASP A 246 12.19 -7.03 -19.46
N ILE A 247 11.74 -6.64 -18.27
CA ILE A 247 11.46 -7.64 -17.24
C ILE A 247 10.33 -8.60 -17.69
N MSE A 248 9.26 -8.06 -18.26
N MSE A 248 9.24 -8.07 -18.24
CA MSE A 248 8.18 -8.92 -18.73
CA MSE A 248 8.17 -8.95 -18.67
C MSE A 248 8.68 -9.98 -19.70
C MSE A 248 8.70 -9.92 -19.72
O MSE A 248 8.33 -11.15 -19.59
O MSE A 248 8.43 -11.11 -19.66
CB MSE A 248 7.08 -8.09 -19.37
CB MSE A 248 6.99 -8.12 -19.20
CG MSE A 248 6.16 -7.44 -18.37
CG MSE A 248 5.76 -8.92 -19.54
SE MSE A 248 5.32 -8.83 -17.27
SE MSE A 248 5.09 -9.95 -18.01
CE MSE A 248 4.66 -9.94 -18.71
CE MSE A 248 3.96 -8.61 -17.16
N ARG A 249 9.49 -9.56 -20.65
N ARG A 249 9.47 -9.39 -20.68
CA ARG A 249 9.92 -10.47 -21.71
CA ARG A 249 10.06 -10.20 -21.73
C ARG A 249 11.08 -11.36 -21.31
C ARG A 249 10.95 -11.31 -21.18
N TYR A 250 11.95 -10.89 -20.43
CA TYR A 250 13.03 -11.76 -20.01
C TYR A 250 12.71 -12.68 -18.82
N CYS A 251 11.84 -12.20 -17.91
CA CYS A 251 11.64 -12.88 -16.64
C CYS A 251 10.23 -13.40 -16.52
N GLN A 252 9.34 -12.91 -17.39
CA GLN A 252 7.95 -13.38 -17.48
C GLN A 252 7.19 -13.59 -16.18
N PRO A 253 7.18 -12.57 -15.31
CA PRO A 253 6.41 -12.75 -14.08
C PRO A 253 4.93 -12.87 -14.40
N GLN A 254 4.14 -13.45 -13.49
CA GLN A 254 2.69 -13.41 -13.55
C GLN A 254 2.13 -11.98 -13.46
N SER A 255 2.69 -11.20 -12.53
CA SER A 255 2.32 -9.80 -12.38
C SER A 255 3.59 -9.01 -12.06
N LEU A 256 3.54 -7.71 -12.37
CA LEU A 256 4.69 -6.85 -12.26
C LEU A 256 4.25 -5.42 -12.05
N THR A 257 4.98 -4.69 -11.22
CA THR A 257 4.83 -3.23 -11.09
C THR A 257 6.25 -2.65 -11.08
N VAL A 258 6.47 -1.62 -11.89
CA VAL A 258 7.70 -0.84 -11.86
C VAL A 258 7.32 0.61 -11.52
N TYR A 259 8.00 1.15 -10.52
CA TYR A 259 7.74 2.53 -10.07
C TYR A 259 9.09 3.20 -9.86
N ALA A 260 9.39 4.27 -10.61
CA ALA A 260 10.59 5.08 -10.33
C ALA A 260 10.20 6.45 -9.81
N ARG A 261 11.06 6.99 -8.93
CA ARG A 261 10.88 8.30 -8.33
C ARG A 261 12.18 9.04 -8.56
N TYR A 262 12.15 10.07 -9.41
CA TYR A 262 13.36 10.80 -9.82
C TYR A 262 13.52 12.09 -9.04
N THR A 263 14.76 12.57 -8.91
CA THR A 263 14.90 13.89 -8.32
C THR A 263 14.53 15.00 -9.32
N ARG A 264 14.09 16.13 -8.79
CA ARG A 264 13.61 17.22 -9.59
C ARG A 264 14.67 17.81 -10.50
N ARG A 265 14.20 18.41 -11.58
CA ARG A 265 14.94 19.34 -12.42
C ARG A 265 14.06 20.57 -12.68
N GLY A 266 14.61 21.76 -12.47
CA GLY A 266 13.87 23.00 -12.71
C GLY A 266 12.56 23.07 -11.95
N GLY A 267 12.61 22.59 -10.71
CA GLY A 267 11.47 22.68 -9.83
C GLY A 267 10.43 21.57 -9.94
N LEU A 268 10.59 20.65 -10.88
CA LEU A 268 9.61 19.59 -11.15
C LEU A 268 10.22 18.21 -11.06
N ASP A 269 9.55 17.27 -10.41
CA ASP A 269 10.05 15.87 -10.50
C ASP A 269 9.03 14.97 -11.13
N ILE A 270 9.51 13.87 -11.69
CA ILE A 270 8.66 12.91 -12.41
C ILE A 270 8.79 11.55 -11.74
N ASN A 271 7.66 10.85 -11.59
CA ASN A 271 7.56 9.59 -10.86
C ASN A 271 6.64 8.64 -11.67
N PRO A 272 7.19 7.99 -12.70
CA PRO A 272 6.37 7.10 -13.53
C PRO A 272 6.09 5.75 -12.84
N PHE A 273 4.83 5.33 -12.90
CA PHE A 273 4.34 4.13 -12.24
C PHE A 273 3.72 3.31 -13.36
N ARG A 274 4.11 2.04 -13.47
CA ARG A 274 3.58 1.19 -14.55
C ARG A 274 3.34 -0.16 -13.97
N SER A 275 2.15 -0.69 -14.18
CA SER A 275 1.77 -1.95 -13.54
C SER A 275 0.89 -2.81 -14.45
N SER A 276 0.94 -4.11 -14.18
CA SER A 276 0.09 -5.05 -14.90
C SER A 276 -1.30 -5.15 -14.23
N HIS A 277 -1.44 -4.59 -13.03
CA HIS A 277 -2.72 -4.67 -12.34
C HIS A 277 -3.15 -3.45 -11.50
N GLN A 278 -2.19 -2.71 -10.93
N GLN A 278 -2.20 -2.69 -10.96
CA GLN A 278 -2.48 -1.55 -10.07
CA GLN A 278 -2.51 -1.54 -10.12
C GLN A 278 -2.44 -0.27 -10.92
C GLN A 278 -2.46 -0.27 -10.95
N SER A 279 -3.34 0.69 -10.69
CA SER A 279 -3.38 1.90 -11.56
C SER A 279 -2.62 3.10 -11.03
N ALA A 280 -2.21 3.06 -9.75
CA ALA A 280 -1.50 4.18 -9.16
C ALA A 280 -0.94 3.70 -7.83
N PRO A 281 0.10 4.39 -7.31
CA PRO A 281 0.64 4.01 -5.99
C PRO A 281 -0.28 4.56 -4.90
N ASN A 282 -0.04 4.22 -3.65
CA ASN A 282 -0.98 4.67 -2.60
C ASN A 282 -0.88 6.17 -2.20
N HIS A 283 0.32 6.74 -2.32
CA HIS A 283 0.58 8.16 -1.98
C HIS A 283 1.69 8.74 -2.89
N ASN A 284 2.01 10.02 -2.71
CA ASN A 284 3.09 10.68 -3.44
C ASN A 284 4.07 11.24 -2.41
N GLN A 285 4.52 10.42 -1.46
CA GLN A 285 5.44 10.93 -0.45
C GLN A 285 6.88 10.95 -0.95
N ARG A 286 7.62 11.98 -0.59
CA ARG A 286 8.95 12.17 -1.16
C ARG A 286 10.00 11.31 -0.47
N MSE A 287 10.98 10.92 -1.28
CA MSE A 287 12.12 10.18 -0.78
C MSE A 287 13.28 11.12 -0.45
O MSE A 287 13.24 12.31 -0.74
CB MSE A 287 12.51 9.13 -1.82
CG MSE A 287 11.41 8.13 -2.07
SE MSE A 287 11.99 6.88 -3.46
CE MSE A 287 13.28 5.94 -2.35
N ALA A 288 14.33 10.57 0.16
CA ALA A 288 15.44 11.38 0.68
C ALA A 288 16.06 12.40 -0.29
N ARG A 289 16.30 11.97 -1.54
CA ARG A 289 16.99 12.81 -2.50
C ARG A 289 16.11 13.75 -3.25
N GLN A 290 14.81 13.53 -3.15
CA GLN A 290 13.83 14.34 -3.86
C GLN A 290 13.56 15.65 -3.15
N ASN B 32 -37.81 -16.30 15.57
CA ASN B 32 -36.48 -16.24 15.00
C ASN B 32 -36.37 -15.10 14.02
N GLN B 33 -36.71 -13.91 14.48
CA GLN B 33 -36.61 -12.75 13.64
C GLN B 33 -35.41 -11.89 14.05
N TYR B 34 -35.10 -10.92 13.20
CA TYR B 34 -34.05 -9.93 13.43
C TYR B 34 -34.23 -9.30 14.79
N ASP B 35 -33.14 -9.27 15.55
CA ASP B 35 -33.20 -8.84 16.93
C ASP B 35 -31.83 -8.29 17.33
N PRO B 36 -31.69 -6.96 17.32
CA PRO B 36 -30.41 -6.30 17.64
C PRO B 36 -29.88 -6.62 19.06
N SER B 37 -30.81 -6.96 19.96
CA SER B 37 -30.43 -7.11 21.36
C SER B 37 -29.56 -8.34 21.58
N LEU B 38 -29.38 -9.14 20.53
CA LEU B 38 -28.54 -10.31 20.60
C LEU B 38 -27.04 -9.96 20.55
N LEU B 39 -26.73 -8.72 20.21
CA LEU B 39 -25.35 -8.28 20.20
C LEU B 39 -24.92 -8.00 21.60
N GLN B 40 -23.70 -8.43 21.94
CA GLN B 40 -23.16 -8.28 23.30
C GLN B 40 -21.81 -7.55 23.27
N PRO B 41 -21.70 -6.40 23.97
CA PRO B 41 -20.49 -5.57 24.00
C PRO B 41 -19.51 -6.00 25.09
N VAL B 42 -18.22 -5.95 24.77
CA VAL B 42 -17.16 -6.31 25.70
C VAL B 42 -16.18 -5.17 25.70
N PRO B 43 -16.07 -4.48 26.84
CA PRO B 43 -15.22 -3.29 26.98
C PRO B 43 -13.83 -3.61 26.52
N ARG B 44 -13.19 -2.76 25.73
CA ARG B 44 -11.80 -3.06 25.31
C ARG B 44 -10.85 -2.97 26.49
N SER B 45 -11.12 -2.04 27.40
CA SER B 45 -10.21 -1.80 28.52
C SER B 45 -9.88 -3.08 29.30
N LEU B 46 -10.81 -4.05 29.25
CA LEU B 46 -10.67 -5.37 29.90
C LEU B 46 -9.26 -6.02 29.85
N ASN B 47 -8.87 -6.60 28.70
CA ASN B 47 -7.53 -7.23 28.59
C ASN B 47 -6.43 -6.17 28.48
N ARG B 48 -6.79 -5.03 27.90
CA ARG B 48 -5.86 -3.92 27.78
C ARG B 48 -5.19 -3.56 29.13
N ASN B 49 -5.97 -3.55 30.20
CA ASN B 49 -5.48 -3.33 31.55
C ASN B 49 -4.40 -4.34 31.96
N ASP B 50 -4.51 -5.56 31.46
CA ASP B 50 -3.52 -6.58 31.76
C ASP B 50 -2.28 -6.41 30.89
N LEU B 51 -2.37 -5.54 29.89
CA LEU B 51 -1.21 -5.19 29.07
C LEU B 51 -0.48 -4.02 29.69
N HIS B 52 -1.11 -3.44 30.72
CA HIS B 52 -0.62 -2.22 31.40
C HIS B 52 -0.21 -1.17 30.39
N LEU B 53 -1.17 -0.67 29.61
CA LEU B 53 -0.92 0.45 28.71
C LEU B 53 -1.61 1.63 29.35
N SER B 54 -1.47 2.82 28.77
CA SER B 54 -2.33 3.92 29.20
C SER B 54 -3.57 4.06 28.30
N ALA B 55 -4.66 4.55 28.90
CA ALA B 55 -5.86 4.93 28.17
C ALA B 55 -5.56 5.88 27.01
N THR B 56 -4.42 6.56 27.05
CA THR B 56 -3.92 7.14 25.81
C THR B 56 -3.17 6.06 25.00
N LEU B 57 -3.91 5.40 24.09
CA LEU B 57 -3.41 4.22 23.38
C LEU B 57 -2.05 4.40 22.76
N PRO B 58 -1.27 3.31 22.74
CA PRO B 58 0.04 3.26 22.07
C PRO B 58 -0.03 3.13 20.57
N PHE B 59 -1.23 3.04 20.04
CA PHE B 59 -1.42 2.72 18.63
C PHE B 59 -2.77 3.26 18.14
N GLN B 60 -2.94 3.25 16.82
CA GLN B 60 -4.24 3.43 16.19
C GLN B 60 -4.52 2.22 15.30
N GLY B 61 -5.73 2.13 14.77
CA GLY B 61 -6.09 1.04 13.89
C GLY B 61 -7.57 0.68 13.91
N CYS B 62 -7.82 -0.61 13.67
CA CYS B 62 -9.16 -1.11 13.44
C CYS B 62 -9.13 -2.62 13.35
N ASP B 63 -10.27 -3.23 13.63
CA ASP B 63 -10.51 -4.67 13.48
C ASP B 63 -11.40 -4.84 12.27
N ILE B 64 -10.87 -5.52 11.25
CA ILE B 64 -11.64 -5.78 10.03
C ILE B 64 -12.25 -7.17 10.15
N TRP B 65 -13.54 -7.27 9.91
CA TRP B 65 -14.24 -8.53 10.04
C TRP B 65 -14.79 -8.85 8.67
N THR B 66 -14.69 -10.12 8.28
CA THR B 66 -15.34 -10.62 7.08
C THR B 66 -16.49 -11.52 7.47
N LEU B 67 -17.65 -11.23 6.88
CA LEU B 67 -18.92 -11.94 7.19
C LEU B 67 -19.32 -12.70 5.92
N TYR B 68 -18.83 -13.92 5.83
CA TYR B 68 -18.97 -14.72 4.61
C TYR B 68 -20.34 -15.32 4.34
N GLU B 69 -21.16 -15.36 5.38
N GLU B 69 -21.19 -15.40 5.34
CA GLU B 69 -22.45 -16.08 5.36
CA GLU B 69 -22.45 -16.10 5.15
C GLU B 69 -23.66 -15.19 5.65
C GLU B 69 -23.71 -15.25 5.37
N LEU B 70 -23.57 -13.93 5.25
CA LEU B 70 -24.67 -12.98 5.44
C LEU B 70 -25.85 -13.35 4.54
N SER B 71 -27.07 -13.45 5.09
CA SER B 71 -28.24 -13.88 4.31
C SER B 71 -29.55 -13.45 5.00
N TRP B 72 -30.51 -12.98 4.22
CA TRP B 72 -31.81 -12.52 4.69
C TRP B 72 -32.84 -12.81 3.57
N LEU B 73 -34.11 -12.42 3.75
CA LEU B 73 -35.11 -12.65 2.71
C LEU B 73 -35.50 -11.34 2.05
N ASN B 74 -35.76 -11.31 0.76
CA ASN B 74 -36.28 -10.09 0.18
C ASN B 74 -37.79 -9.86 0.53
N GLN B 75 -38.43 -8.88 -0.10
CA GLN B 75 -39.75 -8.52 0.35
C GLN B 75 -40.74 -9.69 0.20
N LYS B 76 -40.46 -10.57 -0.75
CA LYS B 76 -41.36 -11.64 -1.12
C LYS B 76 -40.90 -12.95 -0.52
N GLY B 77 -39.93 -12.88 0.39
CA GLY B 77 -39.48 -14.06 1.09
C GLY B 77 -38.42 -14.90 0.38
N LEU B 78 -37.85 -14.35 -0.68
CA LEU B 78 -36.80 -15.07 -1.42
C LEU B 78 -35.42 -14.78 -0.86
N PRO B 79 -34.67 -15.81 -0.43
CA PRO B 79 -33.35 -15.57 0.18
C PRO B 79 -32.42 -14.73 -0.68
N GLN B 80 -31.66 -13.90 0.01
CA GLN B 80 -30.60 -13.07 -0.52
C GLN B 80 -29.32 -13.47 0.20
N VAL B 81 -28.19 -13.52 -0.54
CA VAL B 81 -26.87 -13.83 0.04
C VAL B 81 -25.85 -12.74 -0.31
N ALA B 82 -24.91 -12.52 0.60
CA ALA B 82 -23.91 -11.47 0.40
C ALA B 82 -22.71 -11.74 1.29
N ILE B 83 -21.63 -11.04 1.05
CA ILE B 83 -20.50 -11.07 1.96
C ILE B 83 -20.36 -9.66 2.55
N GLY B 84 -20.19 -9.60 3.86
CA GLY B 84 -20.09 -8.32 4.54
C GLY B 84 -18.66 -8.00 4.95
N GLU B 85 -18.25 -6.76 4.77
N GLU B 85 -18.23 -6.76 4.68
CA GLU B 85 -16.94 -6.32 5.21
CA GLU B 85 -16.97 -6.25 5.19
C GLU B 85 -17.08 -5.14 6.20
C GLU B 85 -17.31 -5.23 6.29
N VAL B 86 -16.70 -5.39 7.46
CA VAL B 86 -16.90 -4.49 8.55
C VAL B 86 -15.52 -3.94 8.98
N SER B 87 -15.44 -2.66 9.33
CA SER B 87 -14.25 -2.16 10.01
C SER B 87 -14.66 -1.47 11.33
N ILE B 88 -14.07 -1.92 12.44
CA ILE B 88 -14.38 -1.37 13.74
C ILE B 88 -13.18 -0.61 14.33
N PRO B 89 -13.33 0.71 14.59
CA PRO B 89 -12.16 1.47 15.07
C PRO B 89 -11.60 0.88 16.37
N ALA B 90 -10.27 0.79 16.44
CA ALA B 90 -9.60 0.25 17.62
C ALA B 90 -9.83 1.17 18.82
N THR B 91 -10.29 2.39 18.57
CA THR B 91 -10.65 3.31 19.63
C THR B 91 -12.07 3.09 20.14
N SER B 92 -12.80 2.15 19.55
CA SER B 92 -14.15 1.90 20.05
C SER B 92 -14.11 1.45 21.52
N ALA B 93 -15.09 1.94 22.27
CA ALA B 93 -15.23 1.58 23.64
C ALA B 93 -15.22 0.08 23.80
N ASN B 94 -15.99 -0.61 22.94
CA ASN B 94 -16.13 -2.06 23.07
C ASN B 94 -15.75 -2.80 21.83
N LEU B 95 -15.50 -4.10 22.01
CA LEU B 95 -15.45 -5.01 20.89
C LEU B 95 -16.67 -5.93 20.88
N ILE B 96 -16.90 -6.58 19.74
CA ILE B 96 -18.07 -7.43 19.62
C ILE B 96 -17.67 -8.89 19.77
N GLU B 97 -18.23 -9.50 20.79
CA GLU B 97 -18.10 -10.92 21.06
C GLU B 97 -18.52 -11.72 19.83
N SER B 98 -17.68 -12.64 19.40
CA SER B 98 -17.92 -13.40 18.18
C SER B 98 -19.19 -14.26 18.15
N LYS B 99 -19.45 -15.04 19.20
CA LYS B 99 -20.59 -15.96 19.22
C LYS B 99 -21.83 -15.15 18.93
N SER B 100 -21.97 -14.14 19.77
CA SER B 100 -23.03 -13.13 19.74
C SER B 100 -23.20 -12.41 18.39
N PHE B 101 -22.10 -12.23 17.67
CA PHE B 101 -22.09 -11.59 16.38
C PHE B 101 -22.76 -12.56 15.37
N LYS B 102 -22.28 -13.81 15.30
CA LYS B 102 -22.94 -14.81 14.49
C LYS B 102 -24.43 -15.01 14.93
N LEU B 103 -24.71 -15.03 16.23
CA LEU B 103 -26.11 -15.19 16.65
C LEU B 103 -27.01 -14.03 16.12
N TYR B 104 -26.49 -12.81 16.15
CA TYR B 104 -27.20 -11.64 15.66
C TYR B 104 -27.39 -11.72 14.15
N LEU B 105 -26.32 -12.06 13.42
CA LEU B 105 -26.40 -12.26 11.97
C LEU B 105 -27.35 -13.37 11.56
N ASN B 106 -27.34 -14.51 12.26
CA ASN B 106 -28.30 -15.54 11.94
C ASN B 106 -29.76 -15.09 12.12
N SER B 107 -29.98 -14.07 12.96
CA SER B 107 -31.33 -13.55 13.15
C SER B 107 -31.87 -12.83 11.87
N TYR B 108 -30.98 -12.55 10.92
CA TYR B 108 -31.44 -11.97 9.67
C TYR B 108 -32.03 -13.01 8.75
N ASN B 109 -31.66 -14.28 8.94
CA ASN B 109 -31.84 -15.31 7.91
C ASN B 109 -33.29 -15.49 7.42
N GLN B 110 -34.25 -15.40 8.33
CA GLN B 110 -35.65 -15.60 7.97
C GLN B 110 -36.44 -14.28 7.98
N THR B 111 -35.70 -13.18 7.93
CA THR B 111 -36.31 -11.87 8.02
C THR B 111 -36.36 -11.18 6.64
N ARG B 112 -37.54 -10.68 6.28
CA ARG B 112 -37.73 -9.93 5.04
C ARG B 112 -37.28 -8.48 5.17
N PHE B 113 -36.56 -8.03 4.16
CA PHE B 113 -36.09 -6.64 4.08
C PHE B 113 -36.45 -6.10 2.71
N ALA B 114 -36.68 -4.79 2.65
CA ALA B 114 -37.12 -4.16 1.40
C ALA B 114 -36.00 -3.93 0.41
N SER B 115 -34.79 -3.85 0.92
CA SER B 115 -33.67 -3.64 0.03
C SER B 115 -32.37 -3.98 0.71
N TRP B 116 -31.35 -4.20 -0.10
CA TRP B 116 -30.00 -4.39 0.42
C TRP B 116 -29.56 -3.15 1.20
N ASP B 117 -29.98 -1.97 0.74
CA ASP B 117 -29.60 -0.75 1.45
C ASP B 117 -30.12 -0.71 2.85
N GLU B 118 -31.31 -1.23 3.06
CA GLU B 118 -31.88 -1.27 4.39
C GLU B 118 -31.16 -2.26 5.29
N VAL B 119 -30.69 -3.39 4.75
CA VAL B 119 -29.88 -4.34 5.53
C VAL B 119 -28.59 -3.68 6.01
N GLN B 120 -27.91 -3.01 5.09
CA GLN B 120 -26.66 -2.36 5.38
C GLN B 120 -26.84 -1.29 6.47
N THR B 121 -27.91 -0.51 6.34
CA THR B 121 -28.29 0.47 7.33
C THR B 121 -28.39 -0.15 8.73
N ARG B 122 -29.01 -1.34 8.82
CA ARG B 122 -29.19 -1.99 10.13
C ARG B 122 -27.88 -2.47 10.73
N LEU B 123 -27.04 -3.07 9.88
CA LEU B 123 -25.74 -3.57 10.34
C LEU B 123 -24.88 -2.40 10.82
N VAL B 124 -24.81 -1.31 10.05
CA VAL B 124 -24.03 -0.12 10.48
C VAL B 124 -24.51 0.36 11.83
N HIS B 125 -25.83 0.48 11.96
CA HIS B 125 -26.37 0.97 13.19
C HIS B 125 -26.07 0.06 14.37
N ASP B 126 -26.41 -1.23 14.29
CA ASP B 126 -26.33 -2.09 15.46
C ASP B 126 -24.90 -2.36 15.87
N LEU B 127 -24.03 -2.50 14.89
CA LEU B 127 -22.64 -2.69 15.20
C LEU B 127 -22.03 -1.43 15.79
N SER B 128 -22.35 -0.26 15.25
CA SER B 128 -21.78 0.97 15.78
C SER B 128 -22.21 1.20 17.22
N ALA B 129 -23.48 0.92 17.50
CA ALA B 129 -24.07 1.21 18.80
C ALA B 129 -23.49 0.26 19.84
N CYS B 130 -23.23 -0.96 19.41
CA CYS B 130 -22.66 -1.97 20.28
C CYS B 130 -21.17 -1.64 20.55
N ALA B 131 -20.41 -1.33 19.50
CA ALA B 131 -18.98 -1.03 19.63
C ALA B 131 -18.75 0.28 20.41
N GLY B 132 -19.65 1.22 20.27
CA GLY B 132 -19.52 2.50 20.92
C GLY B 132 -18.84 3.49 20.02
N GLU B 133 -18.68 3.14 18.76
CA GLU B 133 -18.06 4.05 17.78
C GLU B 133 -18.46 3.63 16.35
N THR B 134 -18.54 4.59 15.45
CA THR B 134 -19.10 4.35 14.13
C THR B 134 -18.31 3.27 13.41
N VAL B 135 -19.03 2.25 12.96
CA VAL B 135 -18.41 1.12 12.26
C VAL B 135 -18.69 1.36 10.79
N THR B 136 -17.78 0.93 9.92
CA THR B 136 -18.10 0.96 8.51
C THR B 136 -18.46 -0.44 8.03
N VAL B 137 -19.46 -0.52 7.16
CA VAL B 137 -19.98 -1.79 6.64
C VAL B 137 -20.20 -1.72 5.13
N ASN B 138 -19.64 -2.66 4.37
CA ASN B 138 -20.00 -2.77 2.96
C ASN B 138 -20.62 -4.17 2.75
N VAL B 139 -21.88 -4.21 2.30
CA VAL B 139 -22.57 -5.46 1.95
C VAL B 139 -22.40 -5.63 0.45
N LYS B 140 -21.66 -6.66 0.07
CA LYS B 140 -21.29 -6.89 -1.33
C LYS B 140 -21.93 -8.14 -1.92
N SER B 141 -22.35 -8.04 -3.17
CA SER B 141 -22.95 -9.17 -3.85
C SER B 141 -21.87 -10.20 -4.25
N LEU B 142 -22.29 -11.47 -4.41
CA LEU B 142 -21.28 -12.49 -4.64
C LEU B 142 -20.55 -12.22 -5.93
N ASN B 143 -21.24 -11.66 -6.93
CA ASN B 143 -20.62 -11.26 -8.19
C ASN B 143 -19.42 -10.30 -8.11
N GLU B 144 -19.34 -9.54 -7.02
CA GLU B 144 -18.25 -8.59 -6.89
C GLU B 144 -16.91 -9.31 -6.67
N TYR B 145 -17.00 -10.59 -6.31
CA TYR B 145 -15.81 -11.37 -5.99
C TYR B 145 -15.31 -12.20 -7.13
N THR B 146 -16.09 -12.30 -8.20
CA THR B 146 -15.61 -13.05 -9.34
C THR B 146 -14.28 -12.49 -9.83
N ALA B 147 -13.32 -13.41 -9.97
CA ALA B 147 -11.98 -13.11 -10.48
C ALA B 147 -11.09 -12.38 -9.47
N GLU B 148 -11.60 -12.12 -8.28
CA GLU B 148 -10.75 -11.58 -7.22
C GLU B 148 -9.61 -12.53 -6.88
N PRO B 149 -8.35 -12.05 -6.93
CA PRO B 149 -7.21 -12.93 -6.63
C PRO B 149 -6.90 -13.00 -5.13
N ILE B 150 -6.61 -14.22 -4.64
CA ILE B 150 -6.02 -14.43 -3.33
C ILE B 150 -4.66 -13.72 -3.29
N VAL B 151 -4.36 -13.12 -2.14
CA VAL B 151 -3.12 -12.38 -1.95
C VAL B 151 -2.31 -13.00 -0.81
N THR B 152 -1.00 -12.77 -0.83
CA THR B 152 -0.20 -13.01 0.37
C THR B 152 0.01 -11.69 1.12
N MSE B 153 0.84 -11.73 2.17
CA MSE B 153 1.16 -10.52 2.91
C MSE B 153 2.40 -9.88 2.33
O MSE B 153 3.10 -10.46 1.49
CB MSE B 153 1.33 -10.80 4.38
CG MSE B 153 -0.02 -10.88 5.04
SE MSE B 153 0.16 -11.59 6.82
CE MSE B 153 -1.29 -10.63 7.72
N GLN B 154 2.65 -8.65 2.76
N GLN B 154 2.67 -8.64 2.74
CA GLN B 154 3.80 -7.89 2.28
CA GLN B 154 3.81 -7.94 2.18
C GLN B 154 5.09 -8.43 2.92
C GLN B 154 5.08 -8.34 2.94
N GLY B 155 6.23 -8.03 2.34
CA GLY B 155 7.53 -8.24 2.96
C GLY B 155 8.06 -9.66 2.89
N GLU B 156 8.88 -10.00 3.86
CA GLU B 156 9.67 -11.24 3.79
C GLU B 156 9.10 -12.30 4.72
N CYS B 157 8.66 -13.45 4.17
CA CYS B 157 8.23 -14.53 5.03
C CYS B 157 9.40 -15.04 5.88
N ILE B 158 9.20 -15.19 7.19
CA ILE B 158 10.28 -15.64 8.04
C ILE B 158 10.22 -17.14 8.41
N ASP B 159 9.29 -17.87 7.82
CA ASP B 159 8.94 -19.22 8.32
C ASP B 159 9.94 -20.31 7.96
N ASP B 160 10.65 -20.15 6.84
CA ASP B 160 11.46 -21.26 6.32
C ASP B 160 12.90 -21.24 6.93
N GLN B 161 12.99 -20.82 8.19
CA GLN B 161 14.23 -20.84 8.92
C GLN B 161 14.57 -22.27 9.40
N ASP B 162 15.86 -22.61 9.34
CA ASP B 162 16.34 -23.93 9.69
C ASP B 162 16.64 -23.89 11.14
N ILE B 163 15.62 -23.87 11.98
CA ILE B 163 15.85 -23.72 13.42
C ILE B 163 15.17 -24.79 14.24
N GLU B 164 15.58 -24.89 15.50
CA GLU B 164 14.90 -25.73 16.48
C GLU B 164 13.90 -24.89 17.28
N ILE B 165 12.78 -25.49 17.69
CA ILE B 165 11.81 -24.78 18.54
C ILE B 165 11.82 -25.38 19.95
N ALA B 166 11.94 -24.50 20.98
CA ALA B 166 11.82 -24.93 22.37
C ALA B 166 10.37 -24.74 22.95
N ASN B 167 9.76 -23.59 22.64
CA ASN B 167 8.53 -23.11 23.30
C ASN B 167 7.32 -23.18 22.42
N TYR B 168 6.34 -23.93 22.89
CA TYR B 168 5.00 -23.76 22.40
C TYR B 168 4.30 -23.03 23.57
N GLU B 169 5.10 -22.81 24.62
CA GLU B 169 4.72 -22.02 25.82
C GLU B 169 5.07 -20.53 25.67
N PHE B 170 4.10 -19.68 25.91
CA PHE B 170 4.26 -18.27 25.63
C PHE B 170 5.36 -17.67 26.48
N ASP B 171 6.32 -17.05 25.79
CA ASP B 171 7.40 -16.33 26.43
C ASP B 171 7.58 -14.97 25.73
N ASP B 172 7.05 -13.91 26.34
CA ASP B 172 7.21 -12.56 25.80
C ASP B 172 8.67 -12.14 25.67
N ALA B 173 9.51 -12.65 26.56
CA ALA B 173 10.91 -12.23 26.60
C ALA B 173 11.77 -12.94 25.56
N LEU B 174 11.12 -13.70 24.67
CA LEU B 174 11.82 -14.21 23.49
C LEU B 174 12.32 -13.07 22.61
N LEU B 175 11.80 -11.85 22.85
CA LEU B 175 12.18 -10.67 22.06
C LEU B 175 13.29 -9.87 22.74
N GLN B 176 13.57 -10.14 24.01
CA GLN B 176 14.61 -9.41 24.69
C GLN B 176 15.91 -9.63 23.96
N GLY B 177 16.60 -8.53 23.69
CA GLY B 177 17.84 -8.58 22.96
C GLY B 177 17.69 -8.83 21.48
N ALA B 178 16.46 -9.02 20.97
CA ALA B 178 16.27 -9.37 19.53
C ALA B 178 16.69 -8.30 18.52
N ALA B 179 16.65 -7.03 18.93
CA ALA B 179 16.84 -5.93 18.00
C ALA B 179 18.10 -5.15 18.32
N GLN B 180 19.22 -5.63 17.87
CA GLN B 180 20.46 -4.93 18.16
C GLN B 180 21.12 -4.58 16.84
N GLY B 181 20.46 -4.98 15.76
CA GLY B 181 20.85 -4.59 14.43
C GLY B 181 21.00 -3.09 14.28
N GLU B 182 21.62 -2.66 13.18
CA GLU B 182 21.62 -1.24 12.84
C GLU B 182 20.25 -0.92 12.26
N GLU B 183 19.98 0.35 12.03
CA GLU B 183 18.62 0.77 11.69
C GLU B 183 18.19 0.32 10.29
N VAL B 184 16.97 -0.19 10.16
CA VAL B 184 16.45 -0.70 8.89
C VAL B 184 14.96 -0.38 8.80
N SER B 185 14.40 -0.44 7.59
CA SER B 185 12.96 -0.49 7.39
C SER B 185 12.68 -1.85 6.74
N GLU B 186 11.93 -2.69 7.44
CA GLU B 186 11.62 -4.04 6.97
C GLU B 186 10.15 -4.30 7.11
N VAL B 187 9.65 -5.27 6.33
CA VAL B 187 8.33 -5.86 6.62
C VAL B 187 8.53 -7.39 6.61
N LEU B 188 8.06 -8.04 7.66
CA LEU B 188 8.36 -9.44 7.92
C LEU B 188 7.03 -10.12 8.18
N HIS B 189 6.75 -11.26 7.57
CA HIS B 189 5.50 -11.95 7.91
C HIS B 189 5.68 -13.43 8.28
N SER B 190 4.69 -13.96 8.97
CA SER B 190 4.66 -15.39 9.34
C SER B 190 3.24 -15.94 9.14
N HIS B 191 3.16 -17.20 8.69
CA HIS B 191 1.91 -17.89 8.57
C HIS B 191 1.71 -18.84 9.74
N LEU B 192 2.65 -18.83 10.68
CA LEU B 192 2.64 -19.85 11.74
C LEU B 192 1.93 -19.41 13.00
N LEU B 193 1.13 -18.35 12.92
CA LEU B 193 0.48 -17.89 14.14
C LEU B 193 -0.66 -18.86 14.49
N LYS B 194 -0.64 -19.33 15.73
CA LYS B 194 -1.73 -20.19 16.22
C LYS B 194 -1.89 -19.94 17.72
N SER B 195 -3.12 -19.92 18.19
CA SER B 195 -3.35 -19.97 19.61
C SER B 195 -4.61 -20.77 19.80
N ASN B 196 -5.08 -20.88 21.04
CA ASN B 196 -6.31 -21.60 21.30
C ASN B 196 -7.41 -20.68 21.82
N CYS B 197 -8.66 -21.14 21.67
CA CYS B 197 -9.81 -20.32 22.06
C CYS B 197 -9.82 -20.10 23.55
N LEU B 198 -9.95 -18.83 23.94
CA LEU B 198 -10.13 -18.48 25.33
C LEU B 198 -11.40 -19.17 25.86
N ILE B 199 -12.49 -19.08 25.10
CA ILE B 199 -13.78 -19.69 25.48
C ILE B 199 -13.81 -21.25 25.44
N THR B 200 -13.65 -21.85 24.25
CA THR B 200 -13.78 -23.31 24.10
C THR B 200 -12.50 -24.05 23.71
N ASN B 201 -11.37 -23.34 23.74
CA ASN B 201 -10.08 -23.94 23.43
C ASN B 201 -10.03 -24.67 22.08
N GLN B 202 -10.59 -24.03 21.05
CA GLN B 202 -10.46 -24.50 19.67
C GLN B 202 -9.30 -23.75 19.04
N PRO B 203 -8.51 -24.42 18.18
CA PRO B 203 -7.37 -23.69 17.59
C PRO B 203 -7.86 -22.60 16.66
N ASP B 204 -7.25 -21.43 16.76
CA ASP B 204 -7.42 -20.39 15.75
C ASP B 204 -6.13 -20.43 14.92
N TRP B 205 -6.18 -19.89 13.70
CA TRP B 205 -5.00 -19.87 12.83
C TRP B 205 -4.91 -18.49 12.17
N GLY B 206 -3.70 -17.92 12.09
CA GLY B 206 -3.55 -16.70 11.34
C GLY B 206 -2.18 -16.51 10.73
N SER B 207 -2.09 -15.49 9.90
CA SER B 207 -0.83 -14.95 9.43
C SER B 207 -0.66 -13.55 10.05
N VAL B 208 0.58 -13.10 10.15
CA VAL B 208 0.85 -11.81 10.73
C VAL B 208 1.96 -11.09 9.98
N GLU B 209 1.76 -9.80 9.77
CA GLU B 209 2.65 -8.95 9.01
C GLU B 209 3.16 -7.89 9.97
N ILE B 210 4.47 -7.76 10.08
CA ILE B 210 5.08 -6.82 10.99
C ILE B 210 5.92 -5.87 10.16
N ALA B 211 5.53 -4.59 10.11
CA ALA B 211 6.29 -3.53 9.43
C ALA B 211 6.93 -2.60 10.45
N TYR B 212 8.21 -2.30 10.27
CA TYR B 212 8.87 -1.44 11.24
C TYR B 212 10.07 -0.72 10.65
N HIS B 213 10.43 0.35 11.34
CA HIS B 213 11.65 1.09 11.11
C HIS B 213 12.32 1.15 12.47
N GLY B 214 13.47 0.49 12.60
CA GLY B 214 14.17 0.45 13.88
C GLY B 214 15.39 -0.44 13.80
N ALA B 215 16.04 -0.69 14.93
CA ALA B 215 17.16 -1.63 14.99
C ALA B 215 16.68 -2.99 14.44
N LYS B 216 17.47 -3.57 13.52
CA LYS B 216 17.08 -4.78 12.81
C LYS B 216 16.77 -5.89 13.81
N MSE B 217 15.63 -6.55 13.58
CA MSE B 217 15.20 -7.69 14.38
C MSE B 217 15.87 -9.01 13.96
O MSE B 217 16.04 -9.33 12.79
CB MSE B 217 13.66 -7.80 14.34
CG MSE B 217 12.94 -6.63 15.04
SE MSE B 217 10.96 -6.71 14.79
CE MSE B 217 10.56 -7.84 16.26
N ASN B 218 16.26 -9.76 14.98
CA ASN B 218 16.67 -11.13 14.79
C ASN B 218 15.46 -12.01 14.41
N ARG B 219 15.54 -12.62 13.24
CA ARG B 219 14.39 -13.31 12.68
C ARG B 219 14.10 -14.61 13.41
N GLU B 220 15.14 -15.17 14.02
N GLU B 220 15.12 -15.20 14.02
CA GLU B 220 15.00 -16.40 14.76
CA GLU B 220 14.92 -16.43 14.78
C GLU B 220 14.22 -16.12 16.04
C GLU B 220 14.16 -16.10 16.05
N ALA B 221 14.60 -15.04 16.72
CA ALA B 221 13.93 -14.63 17.93
C ALA B 221 12.47 -14.28 17.65
N LEU B 222 12.23 -13.57 16.55
CA LEU B 222 10.87 -13.19 16.23
C LEU B 222 10.00 -14.41 15.93
N LEU B 223 10.50 -15.31 15.11
CA LEU B 223 9.70 -16.50 14.79
C LEU B 223 9.39 -17.30 16.06
N ARG B 224 10.39 -17.43 16.93
CA ARG B 224 10.20 -18.18 18.16
C ARG B 224 9.15 -17.56 19.09
N TYR B 225 9.19 -16.24 19.21
CA TYR B 225 8.17 -15.53 19.96
C TYR B 225 6.75 -15.82 19.42
N LEU B 226 6.55 -15.71 18.10
CA LEU B 226 5.23 -15.95 17.49
C LEU B 226 4.76 -17.37 17.70
N VAL B 227 5.66 -18.33 17.53
CA VAL B 227 5.33 -19.73 17.72
C VAL B 227 4.97 -19.99 19.19
N SER B 228 5.55 -19.21 20.11
CA SER B 228 5.24 -19.43 21.52
C SER B 228 3.76 -19.19 21.89
N PHE B 229 2.98 -18.55 21.00
CA PHE B 229 1.53 -18.38 21.22
C PHE B 229 0.74 -19.70 21.05
N ARG B 230 1.38 -20.74 20.51
CA ARG B 230 0.73 -21.94 19.88
C ARG B 230 -0.16 -22.69 20.82
N GLU B 231 0.23 -22.73 22.09
CA GLU B 231 -0.53 -23.46 23.08
C GLU B 231 -0.86 -22.49 24.19
N HIS B 232 -1.23 -21.31 23.76
CA HIS B 232 -1.55 -20.20 24.66
C HIS B 232 -2.97 -19.66 24.42
N ASN B 233 -3.71 -19.53 25.51
CA ASN B 233 -5.06 -19.01 25.40
C ASN B 233 -5.02 -17.54 25.20
N GLU B 234 -5.64 -17.13 24.11
CA GLU B 234 -5.77 -15.73 23.78
C GLU B 234 -6.93 -15.61 22.79
N PHE B 235 -7.16 -14.38 22.36
CA PHE B 235 -8.11 -14.11 21.32
C PHE B 235 -7.49 -13.08 20.38
N HIS B 236 -8.13 -12.85 19.25
CA HIS B 236 -7.50 -12.20 18.10
C HIS B 236 -7.01 -10.78 18.33
N GLU B 237 -7.93 -9.89 18.70
CA GLU B 237 -7.61 -8.45 18.86
C GLU B 237 -6.49 -8.21 19.90
N GLN B 238 -6.56 -8.91 21.03
CA GLN B 238 -5.52 -8.72 22.05
C GLN B 238 -4.19 -9.47 21.83
N CYS B 239 -4.21 -10.58 21.10
CA CYS B 239 -2.94 -11.14 20.69
C CYS B 239 -2.17 -10.08 19.85
N VAL B 240 -2.89 -9.43 18.92
CA VAL B 240 -2.26 -8.44 18.04
C VAL B 240 -1.77 -7.25 18.86
N GLU B 241 -2.56 -6.76 19.81
CA GLU B 241 -2.12 -5.65 20.67
C GLU B 241 -0.95 -6.03 21.57
N ARG B 242 -0.95 -7.27 22.04
CA ARG B 242 0.16 -7.85 22.79
C ARG B 242 1.42 -7.90 21.94
N ILE B 243 1.33 -8.41 20.71
CA ILE B 243 2.50 -8.46 19.83
C ILE B 243 3.02 -7.05 19.60
N PHE B 244 2.12 -6.11 19.26
CA PHE B 244 2.54 -4.71 19.10
C PHE B 244 3.28 -4.18 20.34
N THR B 245 2.68 -4.37 21.52
CA THR B 245 3.25 -3.77 22.71
C THR B 245 4.54 -4.49 23.15
N ASP B 246 4.63 -5.81 22.91
CA ASP B 246 5.86 -6.51 23.22
C ASP B 246 6.99 -6.07 22.30
N ILE B 247 6.73 -5.96 20.99
CA ILE B 247 7.75 -5.44 20.07
C ILE B 247 8.19 -4.01 20.47
N MSE B 248 7.25 -3.13 20.79
CA MSE B 248 7.65 -1.82 21.25
C MSE B 248 8.57 -1.86 22.46
O MSE B 248 9.60 -1.20 22.47
CB MSE B 248 6.45 -0.94 21.59
CG MSE B 248 5.59 -0.57 20.43
SE MSE B 248 6.58 0.49 19.13
CE MSE B 248 7.69 1.44 20.32
N ARG B 249 8.20 -2.61 23.49
CA ARG B 249 9.04 -2.55 24.67
C ARG B 249 10.40 -3.20 24.54
N TYR B 250 10.50 -4.32 23.85
CA TYR B 250 11.79 -5.01 23.71
C TYR B 250 12.68 -4.54 22.54
N CYS B 251 12.05 -4.14 21.44
CA CYS B 251 12.80 -3.80 20.23
C CYS B 251 12.86 -2.31 19.94
N GLN B 252 11.96 -1.55 20.55
CA GLN B 252 11.93 -0.09 20.41
C GLN B 252 12.11 0.46 18.99
N PRO B 253 11.27 0.02 18.05
CA PRO B 253 11.44 0.64 16.73
C PRO B 253 10.84 2.06 16.72
N GLN B 254 11.20 2.86 15.71
CA GLN B 254 10.75 4.23 15.58
C GLN B 254 9.29 4.32 15.09
N SER B 255 8.82 3.27 14.43
CA SER B 255 7.42 3.15 14.01
C SER B 255 7.14 1.67 13.71
N LEU B 256 5.87 1.28 13.81
CA LEU B 256 5.52 -0.13 13.86
C LEU B 256 4.06 -0.36 13.45
N THR B 257 3.85 -1.39 12.63
CA THR B 257 2.51 -1.80 12.26
C THR B 257 2.52 -3.31 12.47
N VAL B 258 1.55 -3.82 13.23
CA VAL B 258 1.32 -5.26 13.34
C VAL B 258 -0.11 -5.57 12.88
N TYR B 259 -0.23 -6.45 11.91
CA TYR B 259 -1.53 -6.73 11.29
C TYR B 259 -1.70 -8.22 11.13
N ALA B 260 -2.73 -8.79 11.75
CA ALA B 260 -2.96 -10.26 11.64
C ALA B 260 -4.22 -10.55 10.87
N ARG B 261 -4.20 -11.61 10.08
CA ARG B 261 -5.38 -12.02 9.35
C ARG B 261 -5.66 -13.47 9.72
N TYR B 262 -6.75 -13.69 10.48
CA TYR B 262 -7.15 -15.00 10.95
C TYR B 262 -8.17 -15.67 10.04
N THR B 263 -8.17 -17.00 10.03
CA THR B 263 -9.16 -17.74 9.32
C THR B 263 -10.45 -17.69 10.12
N ARG B 264 -11.55 -18.01 9.46
CA ARG B 264 -12.84 -17.79 10.04
C ARG B 264 -13.23 -18.89 11.02
N ARG B 265 -14.13 -18.57 11.95
CA ARG B 265 -14.87 -19.61 12.66
C ARG B 265 -16.29 -19.18 12.60
N GLY B 266 -17.19 -20.12 12.36
CA GLY B 266 -18.61 -19.78 12.39
C GLY B 266 -19.03 -18.82 11.30
N GLY B 267 -18.22 -18.77 10.24
CA GLY B 267 -18.49 -17.91 9.10
C GLY B 267 -17.98 -16.47 9.18
N LEU B 268 -17.24 -16.14 10.22
CA LEU B 268 -16.74 -14.80 10.41
C LEU B 268 -15.25 -14.87 10.67
N ASP B 269 -14.50 -14.00 10.01
CA ASP B 269 -13.09 -13.82 10.39
C ASP B 269 -12.79 -12.40 10.93
N ILE B 270 -11.68 -12.29 11.65
CA ILE B 270 -11.29 -11.05 12.27
C ILE B 270 -9.86 -10.82 11.85
N ASN B 271 -9.51 -9.54 11.62
CA ASN B 271 -8.23 -9.14 11.06
C ASN B 271 -7.86 -7.82 11.74
N PRO B 272 -7.28 -7.91 12.95
CA PRO B 272 -6.93 -6.68 13.69
C PRO B 272 -5.67 -6.02 13.15
N PHE B 273 -5.74 -4.70 12.99
CA PHE B 273 -4.66 -3.87 12.43
C PHE B 273 -4.29 -2.82 13.48
N ARG B 274 -3.00 -2.77 13.88
CA ARG B 274 -2.57 -1.79 14.89
C ARG B 274 -1.28 -1.14 14.42
N SER B 275 -1.18 0.19 14.52
CA SER B 275 -0.03 0.92 13.96
C SER B 275 0.30 2.11 14.86
N SER B 276 1.58 2.47 14.90
CA SER B 276 1.96 3.74 15.55
C SER B 276 1.57 4.97 14.70
N HIS B 277 1.30 4.77 13.43
CA HIS B 277 1.20 5.86 12.49
C HIS B 277 0.15 5.69 11.38
N GLN B 278 -0.47 4.51 11.24
CA GLN B 278 -1.41 4.26 10.12
C GLN B 278 -2.79 3.91 10.62
N SER B 279 -3.83 4.31 9.91
CA SER B 279 -5.21 4.03 10.39
C SER B 279 -5.75 2.66 9.94
N ALA B 280 -5.38 2.22 8.74
CA ALA B 280 -6.00 1.05 8.15
C ALA B 280 -5.12 0.53 7.05
N PRO B 281 -5.33 -0.74 6.64
CA PRO B 281 -4.65 -1.24 5.44
C PRO B 281 -5.35 -0.69 4.21
N ASN B 282 -4.74 -0.86 3.04
CA ASN B 282 -5.34 -0.30 1.82
C ASN B 282 -6.41 -1.18 1.14
N HIS B 283 -6.64 -2.36 1.68
CA HIS B 283 -7.54 -3.33 1.06
C HIS B 283 -7.94 -4.42 2.07
N ASN B 284 -8.97 -5.19 1.74
CA ASN B 284 -9.40 -6.28 2.59
C ASN B 284 -9.36 -7.58 1.79
N GLN B 285 -8.32 -7.78 0.97
CA GLN B 285 -8.31 -8.98 0.13
C GLN B 285 -7.93 -10.21 0.96
N ARG B 286 -8.56 -11.35 0.68
CA ARG B 286 -8.35 -12.54 1.52
C ARG B 286 -7.05 -13.28 1.23
N MSE B 287 -6.55 -13.94 2.27
CA MSE B 287 -5.41 -14.85 2.17
C MSE B 287 -5.79 -16.31 1.85
O MSE B 287 -6.95 -16.68 1.90
CB MSE B 287 -4.57 -14.72 3.43
CG MSE B 287 -3.94 -13.31 3.45
SE MSE B 287 -2.79 -13.02 4.98
CE MSE B 287 -1.23 -13.98 4.26
N ALA B 288 -4.78 -17.11 1.52
CA ALA B 288 -5.02 -18.49 1.04
C ALA B 288 -5.89 -19.37 1.95
N ARG B 289 -5.62 -19.34 3.26
CA ARG B 289 -6.44 -20.12 4.19
C ARG B 289 -7.73 -19.43 4.61
N GLN B 290 -7.88 -18.16 4.27
CA GLN B 290 -9.06 -17.45 4.73
C GLN B 290 -10.26 -17.76 3.82
N3 CYT C . 9.43 15.42 -20.86
C4 CYT C . 10.77 15.54 -20.84
N1 CYT C . 9.57 13.75 -19.19
C2 CYT C . 8.82 14.52 -20.03
O2 CYT C . 7.59 14.39 -20.04
N4 CYT C . 11.39 16.44 -21.65
C5 CYT C . 11.56 14.76 -19.97
C6 CYT C . 10.91 13.83 -19.14
CL CL D . 17.37 22.07 -10.92
N3 CYT E . -14.30 -13.22 19.61
C4 CYT E . -13.73 -14.38 19.95
N1 CYT E . -12.21 -12.24 19.19
C2 CYT E . -13.57 -12.14 19.23
O2 CYT E . -14.12 -11.02 18.93
N4 CYT E . -14.46 -15.45 20.34
C5 CYT E . -12.35 -14.49 19.93
C6 CYT E . -11.62 -13.38 19.55
CL CL F . -16.60 -22.92 11.48
S SO4 G . 7.43 -16.38 31.08
O1 SO4 G . 8.12 -16.98 32.24
O2 SO4 G . 8.26 -15.33 30.43
O3 SO4 G . 7.17 -17.46 30.13
O4 SO4 G . 6.10 -15.86 31.48
#